data_5YK1
#
_entry.id   5YK1
#
_cell.length_a   186.734
_cell.length_b   186.734
_cell.length_c   67.499
_cell.angle_alpha   90.00
_cell.angle_beta   90.00
_cell.angle_gamma   120.00
#
_symmetry.space_group_name_H-M   'P 63 2 2'
#
loop_
_entity.id
_entity.type
_entity.pdbx_description
1 polymer 'Probable conserved ATP-binding protein ABC transporter'
2 non-polymer 'PHOSPHOAMINOPHOSPHONIC ACID-ADENYLATE ESTER'
3 non-polymer 'SULFATE ION'
4 non-polymer GLYCEROL
5 water water
#
_entity_poly.entity_id   1
_entity_poly.type   'polypeptide(L)'
_entity_poly.pdbx_seq_one_letter_code
;GPLGSMDDGSVSDIKRGRAARNAKLASIPVGFAGRAALGLGKRLTGKSKDEVTAELMEKAANQLFTVLGELKGGAMKVGQ
ALSVMEAAIPDEFGEPYREALTKLQKDAPPLPASKVHRVLDGQLGTKWRERFSSFNDTPVASASIGQVHKAIWSDGREVA
VKIQYPGADEALRADLKTMQRMVGVLKQLSPGADVQGVVDELVERTEMELDYRLEAANQRAFAKAYHDHPRFQVPHVVAS
APKVVIQEWIEGVPMAEIIRHGTTEQRDLIGTLLAELTFDAPRRLGLMHGDAHPGNFMLLPDGRMGIIDFGAVAPMPGGF
PIELGMTIRLAREKNYDLLLPTMEKAGLIQRGRQVSVREIDEMLRQYVEPIQVEVFHYTRKWLQKMTVSQIDRSVAQIRT
ARQMDLPAKLAIPMRVIASVGAILCQLDAHVPIKALSEELIPGFAEPDAIVV
;
_entity_poly.pdbx_strand_id   A
#
loop_
_chem_comp.id
_chem_comp.type
_chem_comp.name
_chem_comp.formula
ANP non-polymer 'PHOSPHOAMINOPHOSPHONIC ACID-ADENYLATE ESTER' 'C10 H17 N6 O12 P3'
GOL non-polymer GLYCEROL 'C3 H8 O3'
SO4 non-polymer 'SULFATE ION' 'O4 S -2'
#
# COMPACT_ATOMS: atom_id res chain seq x y z
N SER A 48 -4.00 -1.54 -28.13
CA SER A 48 -3.10 -0.40 -28.14
C SER A 48 -1.68 -0.87 -27.98
N LYS A 49 -0.73 -0.17 -28.59
CA LYS A 49 0.66 -0.49 -28.38
C LYS A 49 1.03 -0.28 -26.92
N ASP A 50 0.58 0.83 -26.33
CA ASP A 50 0.84 1.08 -24.94
C ASP A 50 0.16 0.13 -24.00
N GLU A 51 -1.09 -0.18 -24.28
CA GLU A 51 -1.83 -1.14 -23.50
C GLU A 51 -0.99 -2.40 -23.31
N VAL A 52 -0.44 -2.85 -24.41
CA VAL A 52 0.36 -4.06 -24.50
C VAL A 52 1.65 -3.92 -23.71
N THR A 53 2.34 -2.79 -23.88
CA THR A 53 3.57 -2.54 -23.15
C THR A 53 3.34 -2.62 -21.63
N ALA A 54 2.26 -2.00 -21.16
CA ALA A 54 1.91 -2.07 -19.74
C ALA A 54 1.72 -3.52 -19.29
N GLU A 55 0.98 -4.29 -20.08
CA GLU A 55 0.78 -5.71 -19.74
C GLU A 55 2.10 -6.50 -19.71
N LEU A 56 3.00 -6.19 -20.64
CA LEU A 56 4.29 -6.87 -20.69
C LEU A 56 5.13 -6.52 -19.47
N MET A 57 5.09 -5.25 -19.04
CA MET A 57 5.81 -4.83 -17.85
C MET A 57 5.26 -5.55 -16.62
N GLU A 58 3.95 -5.67 -16.55
CA GLU A 58 3.32 -6.36 -15.42
C GLU A 58 3.75 -7.83 -15.38
N LYS A 59 3.75 -8.48 -16.54
CA LYS A 59 4.15 -9.88 -16.56
C LYS A 59 5.63 -10.03 -16.20
N ALA A 60 6.47 -9.10 -16.64
CA ALA A 60 7.89 -9.15 -16.29
C ALA A 60 8.08 -9.01 -14.78
N ALA A 61 7.35 -8.08 -14.17
CA ALA A 61 7.42 -7.89 -12.72
C ALA A 61 6.97 -9.15 -11.97
N ASN A 62 5.89 -9.78 -12.42
CA ASN A 62 5.45 -11.02 -11.76
C ASN A 62 6.44 -12.17 -11.94
N GLN A 63 7.03 -12.28 -13.13
CA GLN A 63 8.09 -13.27 -13.35
C GLN A 63 9.24 -13.06 -12.38
N LEU A 64 9.71 -11.82 -12.28
CA LEU A 64 10.81 -11.49 -11.38
C LEU A 64 10.47 -11.86 -9.94
N PHE A 65 9.26 -11.52 -9.48
CA PHE A 65 8.92 -11.84 -8.10
C PHE A 65 8.79 -13.36 -7.91
N THR A 66 8.42 -14.06 -8.97
CA THR A 66 8.36 -15.52 -8.91
C THR A 66 9.77 -16.08 -8.72
N VAL A 67 10.72 -15.55 -9.48
CA VAL A 67 12.12 -15.95 -9.34
C VAL A 67 12.65 -15.61 -7.95
N LEU A 68 12.30 -14.43 -7.45
CA LEU A 68 12.64 -14.04 -6.08
C LEU A 68 12.10 -15.06 -5.07
N GLY A 69 10.88 -15.55 -5.29
CA GLY A 69 10.30 -16.53 -4.41
C GLY A 69 11.04 -17.85 -4.47
N GLU A 70 11.44 -18.25 -5.66
CA GLU A 70 12.25 -19.46 -5.84
C GLU A 70 13.58 -19.38 -5.12
N LEU A 71 14.28 -18.26 -5.28
CA LEU A 71 15.64 -18.13 -4.75
C LEU A 71 15.69 -17.83 -3.26
N LYS A 72 14.68 -17.11 -2.76
CA LYS A 72 14.74 -16.63 -1.39
C LYS A 72 13.74 -17.34 -0.48
N GLY A 73 12.82 -18.08 -1.07
CA GLY A 73 11.75 -18.71 -0.31
C GLY A 73 11.59 -20.20 -0.53
N GLY A 74 11.15 -20.58 -1.73
CA GLY A 74 10.76 -21.95 -2.00
C GLY A 74 11.91 -22.94 -2.14
N ALA A 75 13.10 -22.43 -2.43
CA ALA A 75 14.32 -23.22 -2.56
C ALA A 75 14.25 -24.22 -3.72
N MET A 76 13.31 -23.99 -4.62
CA MET A 76 13.29 -24.69 -5.89
C MET A 76 12.40 -23.94 -6.87
N LYS A 77 12.52 -24.28 -8.15
CA LYS A 77 11.73 -23.65 -9.19
C LYS A 77 10.25 -23.94 -9.00
N VAL A 78 9.40 -23.02 -9.44
CA VAL A 78 7.96 -23.17 -9.28
C VAL A 78 7.42 -24.44 -9.92
N GLY A 79 7.91 -24.78 -11.11
CA GLY A 79 7.47 -25.99 -11.79
C GLY A 79 7.81 -27.26 -11.02
N GLN A 80 9.03 -27.29 -10.46
CA GLN A 80 9.50 -28.44 -9.69
C GLN A 80 8.64 -28.57 -8.43
N ALA A 81 8.43 -27.43 -7.77
CA ALA A 81 7.65 -27.39 -6.56
C ALA A 81 6.23 -27.85 -6.84
N LEU A 82 5.70 -27.46 -8.00
CA LEU A 82 4.34 -27.78 -8.38
C LEU A 82 4.19 -29.28 -8.61
N SER A 83 5.18 -29.91 -9.25
CA SER A 83 5.16 -31.36 -9.42
C SER A 83 5.15 -32.08 -8.06
N VAL A 84 6.00 -31.62 -7.15
CA VAL A 84 5.98 -32.17 -5.79
C VAL A 84 4.61 -31.98 -5.12
N MET A 85 4.04 -30.78 -5.24
CA MET A 85 2.78 -30.45 -4.59
C MET A 85 1.61 -31.28 -5.09
N GLU A 86 1.59 -31.51 -6.40
CA GLU A 86 0.51 -32.31 -6.97
C GLU A 86 0.65 -33.76 -6.55
N ALA A 87 1.88 -34.24 -6.41
CA ALA A 87 2.03 -35.61 -5.88
C ALA A 87 1.64 -35.68 -4.39
N ALA A 88 1.97 -34.64 -3.62
CA ALA A 88 1.87 -34.65 -2.16
C ALA A 88 0.54 -34.13 -1.62
N ILE A 89 -0.31 -33.63 -2.50
CA ILE A 89 -1.62 -33.15 -2.10
C ILE A 89 -2.69 -34.00 -2.75
N PRO A 90 -3.57 -34.61 -1.93
CA PRO A 90 -4.62 -35.52 -2.38
C PRO A 90 -5.50 -34.91 -3.48
N ASP A 91 -5.84 -35.68 -4.50
CA ASP A 91 -6.69 -35.19 -5.58
C ASP A 91 -8.10 -34.88 -5.08
N GLU A 92 -8.48 -35.51 -3.97
CA GLU A 92 -9.79 -35.29 -3.36
C GLU A 92 -9.98 -33.84 -2.89
N PHE A 93 -8.90 -33.10 -2.75
CA PHE A 93 -8.97 -31.70 -2.32
C PHE A 93 -9.08 -30.76 -3.53
N GLY A 94 -9.02 -31.35 -4.72
CA GLY A 94 -9.00 -30.57 -5.95
C GLY A 94 -10.35 -30.00 -6.34
N GLU A 95 -11.40 -30.81 -6.22
CA GLU A 95 -12.73 -30.42 -6.67
C GLU A 95 -13.49 -29.51 -5.70
N PRO A 96 -13.38 -29.74 -4.37
CA PRO A 96 -13.94 -28.72 -3.48
C PRO A 96 -13.36 -27.34 -3.78
N TYR A 97 -12.04 -27.30 -3.95
CA TYR A 97 -11.34 -26.08 -4.34
C TYR A 97 -12.05 -25.42 -5.53
N ARG A 98 -12.19 -26.18 -6.61
CA ARG A 98 -12.88 -25.70 -7.80
C ARG A 98 -14.29 -25.19 -7.48
N GLU A 99 -15.02 -25.93 -6.64
CA GLU A 99 -16.40 -25.57 -6.31
C GLU A 99 -16.49 -24.41 -5.33
N ALA A 100 -15.35 -23.79 -5.03
CA ALA A 100 -15.40 -22.54 -4.31
C ALA A 100 -15.21 -21.41 -5.31
N LEU A 101 -14.36 -21.66 -6.31
CA LEU A 101 -14.03 -20.62 -7.28
C LEU A 101 -15.13 -20.50 -8.32
N THR A 102 -16.07 -21.44 -8.30
CA THR A 102 -17.19 -21.45 -9.23
C THR A 102 -18.02 -20.18 -9.19
N LYS A 103 -18.56 -19.87 -8.01
CA LYS A 103 -19.63 -18.92 -7.86
C LYS A 103 -19.14 -17.48 -8.00
N LEU A 104 -17.87 -17.26 -7.69
CA LEU A 104 -17.27 -15.96 -7.95
C LEU A 104 -17.24 -15.72 -9.46
N GLN A 105 -17.02 -16.77 -10.23
CA GLN A 105 -17.16 -16.67 -11.67
C GLN A 105 -18.60 -16.42 -12.07
N LYS A 106 -19.49 -17.08 -11.37
CA LYS A 106 -20.90 -16.92 -11.63
C LYS A 106 -21.19 -15.44 -11.40
N ASP A 107 -22.13 -14.89 -12.14
CA ASP A 107 -22.55 -13.51 -11.91
C ASP A 107 -21.33 -12.58 -11.90
N ALA A 108 -20.57 -12.63 -12.99
CA ALA A 108 -19.45 -11.73 -13.23
C ALA A 108 -19.88 -10.28 -13.45
N PRO A 109 -19.00 -9.36 -13.08
CA PRO A 109 -19.38 -7.95 -12.90
C PRO A 109 -20.05 -7.33 -14.12
N PRO A 110 -20.99 -6.40 -13.88
CA PRO A 110 -21.42 -6.05 -12.53
C PRO A 110 -22.51 -6.99 -12.00
N LEU A 111 -22.61 -7.13 -10.69
CA LEU A 111 -23.70 -7.89 -10.08
C LEU A 111 -25.04 -7.32 -10.48
N PRO A 112 -26.00 -8.18 -10.84
CA PRO A 112 -27.37 -7.69 -11.05
C PRO A 112 -27.99 -7.23 -9.72
N ALA A 113 -29.06 -6.45 -9.82
CA ALA A 113 -29.66 -5.81 -8.66
C ALA A 113 -30.11 -6.79 -7.58
N SER A 114 -30.71 -7.89 -8.00
CA SER A 114 -31.26 -8.87 -7.06
C SER A 114 -30.19 -9.44 -6.12
N LYS A 115 -29.01 -9.73 -6.67
CA LYS A 115 -27.92 -10.29 -5.86
C LYS A 115 -27.30 -9.24 -4.93
N VAL A 116 -27.25 -7.99 -5.39
CA VAL A 116 -26.84 -6.89 -4.54
C VAL A 116 -27.77 -6.81 -3.33
N HIS A 117 -29.07 -6.87 -3.60
CA HIS A 117 -30.08 -6.79 -2.56
C HIS A 117 -29.96 -7.97 -1.62
N ARG A 118 -29.60 -9.13 -2.15
CA ARG A 118 -29.39 -10.32 -1.33
C ARG A 118 -28.22 -10.14 -0.35
N VAL A 119 -27.11 -9.61 -0.84
CA VAL A 119 -25.97 -9.35 0.04
C VAL A 119 -26.38 -8.37 1.14
N LEU A 120 -27.09 -7.32 0.74
CA LEU A 120 -27.59 -6.35 1.70
C LEU A 120 -28.53 -7.00 2.73
N ASP A 121 -29.36 -7.94 2.29
CA ASP A 121 -30.23 -8.69 3.20
C ASP A 121 -29.38 -9.39 4.24
N GLY A 122 -28.32 -10.05 3.77
CA GLY A 122 -27.45 -10.81 4.65
C GLY A 122 -26.72 -9.96 5.65
N GLN A 123 -26.35 -8.73 5.28
CA GLN A 123 -25.50 -7.91 6.14
C GLN A 123 -26.24 -6.91 7.01
N LEU A 124 -27.28 -6.29 6.45
CA LEU A 124 -28.04 -5.27 7.19
C LEU A 124 -29.46 -5.72 7.54
N GLY A 125 -29.83 -6.92 7.12
CA GLY A 125 -31.18 -7.41 7.37
C GLY A 125 -32.10 -7.16 6.20
N THR A 126 -33.18 -7.92 6.11
CA THR A 126 -34.12 -7.83 4.98
C THR A 126 -34.85 -6.48 4.90
N LYS A 127 -34.77 -5.69 5.97
CA LYS A 127 -35.38 -4.36 5.92
C LYS A 127 -34.30 -3.27 5.84
N TRP A 128 -33.19 -3.61 5.20
CA TRP A 128 -32.09 -2.67 5.02
C TRP A 128 -32.50 -1.37 4.34
N ARG A 129 -33.52 -1.44 3.49
CA ARG A 129 -34.00 -0.26 2.76
C ARG A 129 -34.43 0.87 3.71
N GLU A 130 -34.89 0.51 4.90
CA GLU A 130 -35.31 1.49 5.88
C GLU A 130 -34.15 2.33 6.41
N ARG A 131 -32.93 1.85 6.21
CA ARG A 131 -31.75 2.59 6.64
C ARG A 131 -31.34 3.64 5.59
N PHE A 132 -31.93 3.54 4.41
CA PHE A 132 -31.63 4.47 3.34
C PHE A 132 -32.83 5.37 3.03
N SER A 133 -32.56 6.54 2.47
CA SER A 133 -33.58 7.36 1.85
C SER A 133 -33.77 6.90 0.39
N SER A 134 -32.67 6.56 -0.27
CA SER A 134 -32.71 5.98 -1.60
C SER A 134 -31.45 5.19 -1.90
N PHE A 135 -31.51 4.31 -2.88
CA PHE A 135 -30.38 3.43 -3.22
C PHE A 135 -30.35 3.22 -4.73
N ASN A 136 -29.21 3.54 -5.35
CA ASN A 136 -29.03 3.35 -6.79
C ASN A 136 -28.53 1.94 -7.11
N ASP A 137 -29.38 1.16 -7.81
CA ASP A 137 -29.07 -0.23 -8.15
C ASP A 137 -27.92 -0.39 -9.16
N THR A 138 -27.63 0.65 -9.92
CA THR A 138 -26.53 0.63 -10.87
C THR A 138 -25.23 1.08 -10.20
N PRO A 139 -24.26 0.18 -10.09
CA PRO A 139 -23.01 0.49 -9.40
C PRO A 139 -22.24 1.61 -10.07
N VAL A 140 -21.57 2.44 -9.28
CA VAL A 140 -20.79 3.54 -9.82
C VAL A 140 -19.33 3.13 -9.96
N ALA A 141 -18.92 2.10 -9.23
CA ALA A 141 -17.52 1.69 -9.35
C ALA A 141 -17.31 0.22 -9.01
N SER A 142 -16.10 -0.27 -9.31
CA SER A 142 -15.73 -1.61 -8.90
C SER A 142 -14.69 -1.56 -7.79
N ALA A 143 -14.76 -2.55 -6.90
CA ALA A 143 -13.74 -2.76 -5.89
C ALA A 143 -13.04 -4.08 -6.19
N SER A 144 -12.04 -4.44 -5.39
CA SER A 144 -11.24 -5.63 -5.69
C SER A 144 -12.08 -6.90 -5.63
N ILE A 145 -12.92 -7.05 -4.61
CA ILE A 145 -13.84 -8.18 -4.57
C ILE A 145 -15.27 -7.72 -4.27
N GLY A 146 -15.64 -6.59 -4.85
CA GLY A 146 -16.98 -6.07 -4.67
C GLY A 146 -17.29 -4.97 -5.65
N GLN A 147 -18.38 -4.24 -5.40
CA GLN A 147 -18.72 -3.10 -6.22
C GLN A 147 -19.36 -2.01 -5.38
N VAL A 148 -19.25 -0.78 -5.87
CA VAL A 148 -19.64 0.39 -5.10
C VAL A 148 -20.84 1.09 -5.73
N HIS A 149 -21.84 1.32 -4.88
CA HIS A 149 -23.08 2.00 -5.22
C HIS A 149 -23.17 3.35 -4.54
N LYS A 150 -23.82 4.30 -5.21
CA LYS A 150 -24.12 5.57 -4.58
C LYS A 150 -25.53 5.49 -4.01
N ALA A 151 -25.74 6.10 -2.85
CA ALA A 151 -27.05 6.07 -2.21
C ALA A 151 -27.21 7.31 -1.35
N ILE A 152 -28.37 7.43 -0.73
CA ILE A 152 -28.63 8.49 0.23
C ILE A 152 -29.05 7.86 1.55
N TRP A 153 -28.34 8.19 2.62
CA TRP A 153 -28.61 7.60 3.94
C TRP A 153 -29.91 8.16 4.49
N SER A 154 -30.44 7.55 5.55
CA SER A 154 -31.72 8.00 6.09
C SER A 154 -31.66 9.43 6.63
N ASP A 155 -30.47 9.92 6.99
CA ASP A 155 -30.36 11.27 7.52
C ASP A 155 -30.14 12.32 6.43
N GLY A 156 -30.18 11.89 5.17
CA GLY A 156 -30.08 12.80 4.05
C GLY A 156 -28.68 12.93 3.45
N ARG A 157 -27.69 12.29 4.06
CA ARG A 157 -26.33 12.32 3.55
C ARG A 157 -26.13 11.37 2.38
N GLU A 158 -25.41 11.81 1.35
CA GLU A 158 -25.02 10.91 0.27
C GLU A 158 -23.90 9.97 0.74
N VAL A 159 -24.03 8.69 0.41
CA VAL A 159 -23.03 7.71 0.83
C VAL A 159 -22.58 6.80 -0.31
N ALA A 160 -21.36 6.28 -0.18
CA ALA A 160 -20.88 5.16 -0.96
C ALA A 160 -21.07 3.87 -0.17
N VAL A 161 -21.64 2.88 -0.85
CA VAL A 161 -21.90 1.58 -0.27
C VAL A 161 -21.09 0.53 -1.02
N LYS A 162 -20.11 -0.04 -0.36
CA LYS A 162 -19.32 -1.10 -0.96
C LYS A 162 -19.90 -2.46 -0.57
N ILE A 163 -20.32 -3.18 -1.60
CA ILE A 163 -20.96 -4.48 -1.50
C ILE A 163 -20.01 -5.58 -1.98
N GLN A 164 -19.68 -6.51 -1.09
CA GLN A 164 -18.79 -7.61 -1.45
C GLN A 164 -19.51 -8.66 -2.30
N TYR A 165 -18.83 -9.17 -3.33
CA TYR A 165 -19.38 -10.25 -4.15
C TYR A 165 -19.70 -11.48 -3.30
N PRO A 166 -20.89 -12.08 -3.52
CA PRO A 166 -21.42 -13.20 -2.73
C PRO A 166 -20.48 -14.40 -2.63
N GLY A 167 -19.76 -14.70 -3.71
CA GLY A 167 -18.88 -15.87 -3.72
C GLY A 167 -17.44 -15.60 -3.35
N ALA A 168 -17.12 -14.35 -3.02
CA ALA A 168 -15.75 -13.95 -2.70
C ALA A 168 -15.20 -14.65 -1.46
N ASP A 169 -16.03 -14.78 -0.43
CA ASP A 169 -15.60 -15.33 0.85
C ASP A 169 -15.12 -16.78 0.72
N GLU A 170 -15.95 -17.62 0.16
CA GLU A 170 -15.65 -19.01 0.10
C GLU A 170 -14.53 -19.26 -0.88
N ALA A 171 -14.47 -18.49 -1.95
CA ALA A 171 -13.41 -18.60 -2.93
C ALA A 171 -12.04 -18.26 -2.34
N LEU A 172 -11.99 -17.12 -1.64
CA LEU A 172 -10.73 -16.67 -1.07
C LEU A 172 -10.28 -17.56 0.08
N ARG A 173 -11.23 -18.10 0.85
CA ARG A 173 -10.84 -18.98 1.94
C ARG A 173 -10.37 -20.34 1.43
N ALA A 174 -10.99 -20.84 0.37
CA ALA A 174 -10.51 -22.09 -0.24
C ALA A 174 -9.12 -21.90 -0.83
N ASP A 175 -8.91 -20.72 -1.43
CA ASP A 175 -7.60 -20.37 -1.99
C ASP A 175 -6.54 -20.31 -0.90
N LEU A 176 -6.89 -19.69 0.22
CA LEU A 176 -6.02 -19.66 1.40
C LEU A 176 -5.68 -21.07 1.90
N LYS A 177 -6.69 -21.95 1.94
CA LYS A 177 -6.47 -23.32 2.38
C LYS A 177 -5.47 -24.03 1.46
N THR A 178 -5.66 -23.86 0.16
CA THR A 178 -4.77 -24.47 -0.82
C THR A 178 -3.34 -23.97 -0.63
N MET A 179 -3.18 -22.66 -0.46
CA MET A 179 -1.82 -22.13 -0.30
C MET A 179 -1.19 -22.52 1.04
N GLN A 180 -2.00 -22.69 2.08
CA GLN A 180 -1.51 -23.25 3.34
C GLN A 180 -0.97 -24.67 3.16
N ARG A 181 -1.71 -25.50 2.43
CA ARG A 181 -1.25 -26.86 2.16
C ARG A 181 0.07 -26.85 1.38
N MET A 182 0.15 -25.97 0.39
CA MET A 182 1.36 -25.86 -0.41
C MET A 182 2.56 -25.40 0.42
N VAL A 183 2.32 -24.46 1.34
CA VAL A 183 3.37 -24.03 2.25
C VAL A 183 3.84 -25.23 3.06
N GLY A 184 2.90 -26.04 3.55
CA GLY A 184 3.25 -27.26 4.27
C GLY A 184 4.13 -28.20 3.47
N VAL A 185 3.80 -28.34 2.18
CA VAL A 185 4.61 -29.17 1.30
C VAL A 185 6.03 -28.62 1.21
N LEU A 186 6.18 -27.32 0.97
CA LEU A 186 7.51 -26.72 0.88
C LEU A 186 8.30 -26.91 2.18
N LYS A 187 7.64 -26.65 3.31
CA LYS A 187 8.31 -26.75 4.60
C LYS A 187 8.83 -28.15 4.85
N GLN A 188 8.04 -29.17 4.51
CA GLN A 188 8.45 -30.54 4.82
C GLN A 188 9.38 -31.15 3.77
N LEU A 189 9.18 -30.81 2.49
CA LEU A 189 9.79 -31.56 1.41
C LEU A 189 10.77 -30.76 0.54
N SER A 190 10.82 -29.45 0.71
CA SER A 190 11.76 -28.65 -0.07
C SER A 190 12.93 -28.24 0.80
N PRO A 191 14.10 -28.86 0.56
CA PRO A 191 15.28 -28.66 1.39
C PRO A 191 15.74 -27.20 1.39
N GLY A 192 15.90 -26.64 2.58
CA GLY A 192 16.36 -25.26 2.72
C GLY A 192 15.30 -24.19 2.47
N ALA A 193 14.05 -24.59 2.33
CA ALA A 193 12.98 -23.62 2.11
C ALA A 193 12.84 -22.70 3.32
N ASP A 194 12.57 -21.43 3.04
CA ASP A 194 12.30 -20.44 4.07
C ASP A 194 10.86 -19.97 3.91
N VAL A 195 9.95 -20.54 4.69
CA VAL A 195 8.54 -20.17 4.64
C VAL A 195 8.08 -19.52 5.94
N GLN A 196 9.06 -19.07 6.73
CA GLN A 196 8.80 -18.41 7.99
C GLN A 196 7.87 -17.21 7.85
N GLY A 197 6.76 -17.21 8.58
CA GLY A 197 5.85 -16.07 8.59
C GLY A 197 4.89 -15.99 7.41
N VAL A 198 5.03 -16.89 6.46
CA VAL A 198 4.25 -16.82 5.22
C VAL A 198 2.75 -17.14 5.42
N VAL A 199 2.46 -18.21 6.15
CA VAL A 199 1.06 -18.56 6.41
C VAL A 199 0.36 -17.43 7.17
N ASP A 200 1.03 -16.87 8.18
CA ASP A 200 0.47 -15.74 8.92
C ASP A 200 0.12 -14.57 8.02
N GLU A 201 1.03 -14.26 7.09
CA GLU A 201 0.82 -13.17 6.15
C GLU A 201 -0.39 -13.47 5.24
N LEU A 202 -0.49 -14.70 4.76
CA LEU A 202 -1.61 -15.09 3.89
C LEU A 202 -2.95 -14.99 4.62
N VAL A 203 -2.98 -15.47 5.86
CA VAL A 203 -4.17 -15.38 6.70
C VAL A 203 -4.58 -13.92 6.91
N GLU A 204 -3.62 -13.09 7.30
CA GLU A 204 -3.94 -11.68 7.57
C GLU A 204 -4.42 -10.94 6.32
N ARG A 205 -3.74 -11.16 5.18
CA ARG A 205 -4.19 -10.55 3.94
C ARG A 205 -5.60 -10.98 3.58
N THR A 206 -5.87 -12.27 3.70
CA THR A 206 -7.18 -12.80 3.36
C THR A 206 -8.27 -12.16 4.24
N GLU A 207 -8.00 -12.12 5.54
CA GLU A 207 -8.97 -11.59 6.47
C GLU A 207 -9.19 -10.09 6.24
N MET A 208 -8.13 -9.38 5.85
CA MET A 208 -8.26 -7.97 5.53
C MET A 208 -9.13 -7.77 4.30
N GLU A 209 -9.03 -8.67 3.33
CA GLU A 209 -9.86 -8.56 2.14
C GLU A 209 -11.33 -8.92 2.40
N LEU A 210 -11.55 -9.90 3.27
CA LEU A 210 -12.89 -10.46 3.44
C LEU A 210 -13.75 -9.75 4.49
N ASP A 211 -13.11 -9.14 5.48
CA ASP A 211 -13.86 -8.49 6.56
C ASP A 211 -13.74 -6.98 6.49
N TYR A 212 -14.75 -6.34 5.93
CA TYR A 212 -14.74 -4.89 5.69
C TYR A 212 -14.68 -4.07 6.99
N ARG A 213 -15.01 -4.70 8.11
CA ARG A 213 -15.02 -4.02 9.39
C ARG A 213 -13.63 -3.59 9.86
N LEU A 214 -12.60 -4.32 9.44
CA LEU A 214 -11.22 -3.98 9.82
C LEU A 214 -10.80 -2.62 9.20
N GLU A 215 -10.97 -2.54 7.88
CA GLU A 215 -10.73 -1.30 7.16
C GLU A 215 -11.59 -0.18 7.74
N ALA A 216 -12.84 -0.50 8.04
CA ALA A 216 -13.74 0.48 8.65
C ALA A 216 -13.19 1.06 9.97
N ALA A 217 -12.65 0.21 10.83
CA ALA A 217 -12.04 0.67 12.07
C ALA A 217 -10.87 1.64 11.82
N ASN A 218 -9.97 1.22 10.93
CA ASN A 218 -8.87 2.11 10.53
C ASN A 218 -9.38 3.49 10.08
N GLN A 219 -10.39 3.45 9.21
CA GLN A 219 -10.95 4.66 8.66
C GLN A 219 -11.57 5.54 9.74
N ARG A 220 -12.21 4.92 10.73
CA ARG A 220 -12.79 5.69 11.84
C ARG A 220 -11.73 6.46 12.60
N ALA A 221 -10.61 5.79 12.90
CA ALA A 221 -9.49 6.49 13.53
C ALA A 221 -9.09 7.73 12.71
N PHE A 222 -8.91 7.54 11.41
CA PHE A 222 -8.51 8.69 10.59
C PHE A 222 -9.58 9.79 10.49
N ALA A 223 -10.85 9.39 10.40
CA ALA A 223 -11.94 10.33 10.24
C ALA A 223 -12.05 11.19 11.46
N LYS A 224 -11.81 10.59 12.62
CA LYS A 224 -11.83 11.34 13.87
C LYS A 224 -10.67 12.31 13.92
N ALA A 225 -9.47 11.81 13.58
CA ALA A 225 -8.27 12.65 13.65
C ALA A 225 -8.31 13.86 12.71
N TYR A 226 -8.87 13.69 11.52
CA TYR A 226 -8.81 14.74 10.50
C TYR A 226 -10.12 15.48 10.30
N HIS A 227 -11.05 15.32 11.24
CA HIS A 227 -12.30 16.06 11.19
C HIS A 227 -12.04 17.56 11.20
N ASP A 228 -12.60 18.27 10.24
CA ASP A 228 -12.43 19.72 10.09
C ASP A 228 -10.98 20.17 9.86
N HIS A 229 -10.13 19.27 9.39
CA HIS A 229 -8.75 19.65 9.06
C HIS A 229 -8.75 20.54 7.82
N PRO A 230 -7.90 21.58 7.82
CA PRO A 230 -7.95 22.52 6.69
C PRO A 230 -7.42 21.95 5.36
N ARG A 231 -6.76 20.79 5.38
CA ARG A 231 -6.17 20.30 4.14
C ARG A 231 -6.52 18.86 3.77
N PHE A 232 -7.02 18.10 4.74
CA PHE A 232 -7.34 16.69 4.49
C PHE A 232 -8.79 16.39 4.80
N GLN A 233 -9.42 15.59 3.93
CA GLN A 233 -10.80 15.19 4.15
C GLN A 233 -10.95 13.67 4.14
N VAL A 234 -11.37 13.13 5.28
CA VAL A 234 -11.62 11.71 5.43
C VAL A 234 -13.11 11.50 5.66
N PRO A 235 -13.77 10.77 4.75
CA PRO A 235 -15.21 10.53 4.93
C PRO A 235 -15.48 9.68 6.16
N HIS A 236 -16.55 10.00 6.89
CA HIS A 236 -16.90 9.25 8.08
C HIS A 236 -17.50 7.91 7.67
N VAL A 237 -17.28 6.90 8.51
CA VAL A 237 -17.91 5.61 8.33
C VAL A 237 -19.32 5.69 8.85
N VAL A 238 -20.28 5.39 7.98
CA VAL A 238 -21.69 5.46 8.35
C VAL A 238 -22.16 4.12 8.91
N ALA A 239 -21.71 3.02 8.31
CA ALA A 239 -22.06 1.71 8.83
C ALA A 239 -21.06 0.69 8.35
N SER A 240 -20.83 -0.36 9.13
CA SER A 240 -19.87 -1.38 8.73
C SER A 240 -20.33 -2.79 9.08
N ALA A 241 -20.11 -3.70 8.13
CA ALA A 241 -20.42 -5.11 8.30
C ALA A 241 -19.33 -5.89 7.57
N PRO A 242 -19.24 -7.21 7.82
CA PRO A 242 -18.20 -7.99 7.13
C PRO A 242 -18.21 -7.82 5.60
N LYS A 243 -19.38 -7.79 4.99
CA LYS A 243 -19.47 -7.75 3.52
C LYS A 243 -20.10 -6.48 2.95
N VAL A 244 -20.44 -5.53 3.83
CA VAL A 244 -20.95 -4.23 3.37
C VAL A 244 -20.33 -3.13 4.20
N VAL A 245 -19.80 -2.10 3.54
CA VAL A 245 -19.32 -0.96 4.30
C VAL A 245 -19.81 0.34 3.66
N ILE A 246 -20.29 1.26 4.49
CA ILE A 246 -20.93 2.49 4.04
C ILE A 246 -20.23 3.70 4.63
N GLN A 247 -19.83 4.62 3.75
CA GLN A 247 -19.15 5.83 4.18
C GLN A 247 -19.70 7.06 3.45
N GLU A 248 -19.42 8.24 4.00
CA GLU A 248 -19.86 9.49 3.37
C GLU A 248 -19.30 9.60 1.97
N TRP A 249 -20.13 10.07 1.06
CA TRP A 249 -19.73 10.24 -0.33
C TRP A 249 -18.86 11.49 -0.49
N ILE A 250 -17.68 11.31 -1.05
CA ILE A 250 -16.89 12.46 -1.44
C ILE A 250 -16.43 12.27 -2.88
N GLU A 251 -16.36 13.36 -3.62
CA GLU A 251 -15.82 13.28 -4.96
C GLU A 251 -15.03 14.55 -5.29
N GLY A 252 -14.00 14.36 -6.10
CA GLY A 252 -13.15 15.47 -6.49
C GLY A 252 -12.52 14.98 -7.76
N VAL A 253 -11.35 15.52 -8.07
CA VAL A 253 -10.59 15.04 -9.21
C VAL A 253 -9.68 13.94 -8.71
N PRO A 254 -9.83 12.73 -9.26
CA PRO A 254 -8.99 11.60 -8.85
C PRO A 254 -7.53 11.91 -9.11
N MET A 255 -6.65 11.45 -8.23
CA MET A 255 -5.23 11.71 -8.38
C MET A 255 -4.72 11.12 -9.70
N ALA A 256 -5.28 9.98 -10.12
CA ALA A 256 -4.89 9.37 -11.39
C ALA A 256 -5.10 10.32 -12.56
N GLU A 257 -6.21 11.05 -12.50
CA GLU A 257 -6.54 12.02 -13.53
C GLU A 257 -5.57 13.19 -13.51
N ILE A 258 -5.15 13.61 -12.31
CA ILE A 258 -4.18 14.68 -12.20
C ILE A 258 -2.81 14.23 -12.71
N ILE A 259 -2.50 12.95 -12.51
CA ILE A 259 -1.26 12.39 -13.01
C ILE A 259 -1.26 12.44 -14.53
N ARG A 260 -2.39 12.14 -15.15
CA ARG A 260 -2.42 12.15 -16.62
C ARG A 260 -2.59 13.52 -17.28
N HIS A 261 -3.54 14.32 -16.79
CA HIS A 261 -3.91 15.59 -17.44
C HIS A 261 -3.88 16.80 -16.51
N GLY A 262 -3.39 16.63 -15.29
CA GLY A 262 -3.46 17.71 -14.30
C GLY A 262 -2.72 18.97 -14.70
N THR A 263 -3.17 20.13 -14.21
CA THR A 263 -2.39 21.34 -14.38
C THR A 263 -1.20 21.30 -13.44
N THR A 264 -0.21 22.15 -13.68
CA THR A 264 0.96 22.27 -12.81
C THR A 264 0.57 22.49 -11.35
N GLU A 265 -0.40 23.37 -11.13
CA GLU A 265 -0.84 23.72 -9.78
C GLU A 265 -1.58 22.56 -9.09
N GLN A 266 -2.39 21.83 -9.84
CA GLN A 266 -3.06 20.63 -9.32
C GLN A 266 -2.04 19.58 -8.87
N ARG A 267 -1.07 19.33 -9.75
CA ARG A 267 0.00 18.38 -9.49
C ARG A 267 0.80 18.75 -8.24
N ASP A 268 1.22 20.01 -8.19
CA ASP A 268 2.01 20.51 -7.06
C ASP A 268 1.22 20.40 -5.75
N LEU A 269 -0.04 20.83 -5.81
CA LEU A 269 -0.90 20.83 -4.63
C LEU A 269 -1.15 19.42 -4.09
N ILE A 270 -1.67 18.53 -4.92
CA ILE A 270 -2.01 17.21 -4.39
C ILE A 270 -0.73 16.44 -4.02
N GLY A 271 0.37 16.68 -4.74
CA GLY A 271 1.64 16.09 -4.33
C GLY A 271 2.09 16.56 -2.95
N THR A 272 1.98 17.86 -2.73
CA THR A 272 2.38 18.44 -1.45
C THR A 272 1.49 17.92 -0.32
N LEU A 273 0.20 17.77 -0.61
CA LEU A 273 -0.74 17.25 0.38
C LEU A 273 -0.41 15.79 0.73
N LEU A 274 -0.09 14.98 -0.27
CA LEU A 274 0.27 13.58 -0.02
C LEU A 274 1.54 13.50 0.82
N ALA A 275 2.53 14.30 0.45
CA ALA A 275 3.77 14.34 1.21
C ALA A 275 3.48 14.73 2.66
N GLU A 276 2.61 15.71 2.85
CA GLU A 276 2.30 16.15 4.21
C GLU A 276 1.58 15.07 5.00
N LEU A 277 0.59 14.42 4.39
CA LEU A 277 -0.16 13.36 5.06
C LEU A 277 0.74 12.25 5.54
N THR A 278 1.71 11.92 4.70
CA THR A 278 2.65 10.85 4.97
C THR A 278 3.39 11.04 6.30
N PHE A 279 3.73 12.28 6.61
CA PHE A 279 4.49 12.54 7.84
C PHE A 279 3.62 13.08 8.97
N ASP A 280 2.46 13.59 8.62
CA ASP A 280 1.56 14.16 9.62
C ASP A 280 0.82 13.05 10.36
N ALA A 281 0.35 12.04 9.61
CA ALA A 281 -0.46 11.00 10.24
C ALA A 281 0.25 10.25 11.40
N PRO A 282 1.50 9.81 11.22
CA PRO A 282 2.07 9.11 12.38
C PRO A 282 2.29 10.04 13.58
N ARG A 283 2.51 11.31 13.31
CA ARG A 283 2.67 12.33 14.34
C ARG A 283 1.34 12.59 15.05
N ARG A 284 0.27 12.67 14.26
CA ARG A 284 -1.06 13.03 14.76
C ARG A 284 -1.80 11.88 15.46
N LEU A 285 -1.77 10.68 14.89
CA LEU A 285 -2.52 9.59 15.52
C LEU A 285 -1.77 8.26 15.58
N GLY A 286 -0.45 8.30 15.40
CA GLY A 286 0.36 7.10 15.59
C GLY A 286 0.08 6.03 14.54
N LEU A 287 -0.39 6.46 13.39
CA LEU A 287 -0.67 5.55 12.28
C LEU A 287 -0.17 6.16 10.99
N MET A 288 0.17 5.30 10.04
CA MET A 288 0.53 5.78 8.73
C MET A 288 -0.52 5.29 7.76
N HIS A 289 -0.91 6.09 6.80
CA HIS A 289 -1.95 5.73 5.90
C HIS A 289 -1.54 4.44 5.19
N GLY A 290 -0.27 4.23 5.04
CA GLY A 290 0.24 2.98 4.52
C GLY A 290 0.59 3.12 3.07
N ASP A 291 0.86 1.99 2.42
CA ASP A 291 1.27 1.98 1.02
C ASP A 291 0.25 2.72 0.15
N ALA A 292 0.77 3.73 -0.54
CA ALA A 292 -0.07 4.66 -1.27
C ALA A 292 -0.30 4.21 -2.71
N HIS A 293 -1.47 4.58 -3.22
CA HIS A 293 -1.85 4.31 -4.59
C HIS A 293 -2.77 5.45 -4.99
N PRO A 294 -2.61 5.98 -6.22
CA PRO A 294 -3.34 7.16 -6.65
C PRO A 294 -4.87 6.99 -6.57
N GLY A 295 -5.33 5.75 -6.64
CA GLY A 295 -6.75 5.44 -6.50
C GLY A 295 -7.31 5.81 -5.15
N ASN A 296 -6.44 5.95 -4.15
CA ASN A 296 -6.88 6.27 -2.80
C ASN A 296 -7.11 7.77 -2.54
N PHE A 297 -6.75 8.62 -3.49
CA PHE A 297 -6.74 10.06 -3.23
C PHE A 297 -7.47 10.87 -4.27
N MET A 298 -7.95 12.04 -3.87
CA MET A 298 -8.52 12.98 -4.84
C MET A 298 -8.29 14.44 -4.44
N LEU A 299 -8.41 15.35 -5.41
CA LEU A 299 -8.32 16.76 -5.09
C LEU A 299 -9.73 17.33 -5.05
N LEU A 300 -10.12 17.88 -3.90
CA LEU A 300 -11.46 18.44 -3.73
C LEU A 300 -11.49 19.89 -4.23
N PRO A 301 -12.69 20.42 -4.53
CA PRO A 301 -12.83 21.79 -5.04
C PRO A 301 -12.19 22.84 -4.14
N ASP A 302 -12.24 22.64 -2.83
CA ASP A 302 -11.70 23.63 -1.89
C ASP A 302 -10.20 23.46 -1.66
N GLY A 303 -9.57 22.57 -2.41
CA GLY A 303 -8.14 22.41 -2.33
C GLY A 303 -7.66 21.41 -1.28
N ARG A 304 -8.60 20.74 -0.61
CA ARG A 304 -8.22 19.66 0.30
C ARG A 304 -8.00 18.38 -0.48
N MET A 305 -7.23 17.46 0.10
CA MET A 305 -7.10 16.13 -0.48
C MET A 305 -8.06 15.19 0.23
N GLY A 306 -8.93 14.56 -0.55
CA GLY A 306 -9.81 13.53 -0.04
C GLY A 306 -9.06 12.21 0.00
N ILE A 307 -9.25 11.45 1.07
CA ILE A 307 -8.62 10.14 1.24
C ILE A 307 -9.69 9.09 1.49
N ILE A 308 -9.76 8.05 0.67
CA ILE A 308 -10.91 7.14 0.77
C ILE A 308 -10.62 5.69 1.12
N ASP A 309 -9.37 5.25 0.98
CA ASP A 309 -9.05 3.83 1.20
C ASP A 309 -8.14 3.67 2.42
N PHE A 310 -8.49 2.76 3.31
CA PHE A 310 -7.74 2.59 4.56
C PHE A 310 -7.46 1.12 4.87
N GLY A 311 -7.25 0.33 3.82
CA GLY A 311 -7.00 -1.09 3.98
C GLY A 311 -5.58 -1.41 4.40
N ALA A 312 -4.66 -0.50 4.11
CA ALA A 312 -3.25 -0.78 4.34
C ALA A 312 -2.64 0.10 5.44
N VAL A 313 -3.47 0.54 6.38
CA VAL A 313 -3.00 1.38 7.48
C VAL A 313 -1.95 0.65 8.33
N ALA A 314 -0.85 1.32 8.60
CA ALA A 314 0.27 0.72 9.31
C ALA A 314 0.50 1.35 10.69
N PRO A 315 0.74 0.51 11.70
CA PRO A 315 0.87 1.01 13.07
C PRO A 315 2.22 1.70 13.32
N MET A 316 2.18 2.91 13.87
CA MET A 316 3.40 3.62 14.26
C MET A 316 3.20 4.33 15.59
N PRO A 317 3.08 3.56 16.68
CA PRO A 317 2.74 4.10 18.01
C PRO A 317 3.69 5.21 18.47
N GLY A 318 5.00 4.99 18.28
CA GLY A 318 5.97 5.98 18.73
C GLY A 318 6.13 7.13 17.77
N GLY A 319 5.35 7.12 16.70
CA GLY A 319 5.51 8.12 15.65
C GLY A 319 6.68 7.77 14.77
N PHE A 320 7.05 8.70 13.91
CA PHE A 320 8.20 8.55 13.03
C PHE A 320 9.49 8.46 13.85
N PRO A 321 10.24 7.36 13.71
CA PRO A 321 11.49 7.16 14.44
C PRO A 321 12.52 8.24 14.14
N ILE A 322 13.18 8.76 15.16
CA ILE A 322 14.01 9.96 15.03
C ILE A 322 15.29 9.71 14.22
N GLU A 323 15.73 8.46 14.21
CA GLU A 323 16.96 8.07 13.55
C GLU A 323 16.90 8.32 12.04
N LEU A 324 15.70 8.33 11.47
CA LEU A 324 15.56 8.53 10.04
C LEU A 324 15.84 9.98 9.64
N GLY A 325 15.11 10.92 10.27
CA GLY A 325 15.34 12.34 10.02
C GLY A 325 16.76 12.72 10.34
N MET A 326 17.27 12.16 11.44
CA MET A 326 18.63 12.37 11.86
C MET A 326 19.64 11.90 10.80
N THR A 327 19.44 10.68 10.30
CA THR A 327 20.27 10.12 9.24
C THR A 327 20.28 11.02 8.01
N ILE A 328 19.11 11.50 7.61
CA ILE A 328 19.06 12.32 6.40
C ILE A 328 19.79 13.64 6.59
N ARG A 329 19.61 14.27 7.75
CA ARG A 329 20.35 15.50 8.03
C ARG A 329 21.87 15.28 8.04
N LEU A 330 22.33 14.24 8.72
CA LEU A 330 23.77 13.98 8.79
C LEU A 330 24.35 13.62 7.43
N ALA A 331 23.55 12.96 6.59
CA ALA A 331 23.98 12.58 5.25
C ALA A 331 24.08 13.80 4.34
N ARG A 332 23.16 14.74 4.51
CA ARG A 332 23.19 15.96 3.73
C ARG A 332 24.48 16.74 4.01
N GLU A 333 24.87 16.76 5.28
CA GLU A 333 26.08 17.46 5.71
C GLU A 333 27.34 16.62 5.47
N LYS A 334 27.15 15.39 5.00
CA LYS A 334 28.26 14.46 4.78
C LYS A 334 29.11 14.29 6.04
N ASN A 335 28.45 14.31 7.19
CA ASN A 335 29.11 14.05 8.46
C ASN A 335 29.21 12.54 8.68
N TYR A 336 30.10 11.88 7.94
CA TYR A 336 30.16 10.42 7.96
C TYR A 336 30.58 9.88 9.34
N ASP A 337 31.38 10.67 10.04
CA ASP A 337 31.88 10.28 11.36
C ASP A 337 30.71 10.01 12.31
N LEU A 338 29.66 10.83 12.22
CA LEU A 338 28.47 10.62 13.04
C LEU A 338 27.40 9.81 12.30
N LEU A 339 27.40 9.90 10.97
CA LEU A 339 26.38 9.21 10.18
C LEU A 339 26.46 7.70 10.29
N LEU A 340 27.67 7.15 10.16
CA LEU A 340 27.78 5.69 10.14
C LEU A 340 27.36 5.05 11.49
N PRO A 341 27.88 5.56 12.63
CA PRO A 341 27.40 5.01 13.91
C PRO A 341 25.90 5.20 14.14
N THR A 342 25.33 6.31 13.68
CA THR A 342 23.91 6.54 13.80
C THR A 342 23.12 5.48 13.00
N MET A 343 23.54 5.23 11.76
CA MET A 343 22.87 4.23 10.94
C MET A 343 23.04 2.83 11.50
N GLU A 344 24.21 2.51 12.04
CA GLU A 344 24.44 1.18 12.58
C GLU A 344 23.58 0.97 13.81
N LYS A 345 23.52 1.99 14.66
CA LYS A 345 22.66 1.97 15.84
C LYS A 345 21.19 1.77 15.47
N ALA A 346 20.73 2.53 14.47
CA ALA A 346 19.35 2.43 14.01
C ALA A 346 19.01 1.10 13.31
N GLY A 347 20.04 0.39 12.84
CA GLY A 347 19.82 -0.83 12.07
C GLY A 347 19.63 -0.57 10.60
N LEU A 348 20.06 0.60 10.12
CA LEU A 348 19.94 0.94 8.71
C LEU A 348 21.07 0.31 7.87
N ILE A 349 22.19 0.00 8.52
CA ILE A 349 23.24 -0.74 7.85
C ILE A 349 23.58 -1.93 8.72
N GLN A 350 24.15 -2.96 8.10
CA GLN A 350 24.57 -4.15 8.85
C GLN A 350 25.71 -3.82 9.80
N ARG A 351 25.67 -4.45 10.97
CA ARG A 351 26.67 -4.21 11.99
C ARG A 351 27.93 -5.06 11.75
N GLY A 352 29.09 -4.50 12.11
CA GLY A 352 30.35 -5.21 12.04
C GLY A 352 30.85 -5.48 10.63
N ARG A 353 30.61 -4.53 9.72
CA ARG A 353 31.03 -4.69 8.33
C ARG A 353 31.86 -3.50 7.87
N GLN A 354 32.81 -3.76 6.97
CA GLN A 354 33.46 -2.67 6.25
C GLN A 354 32.45 -2.03 5.31
N VAL A 355 32.27 -0.72 5.44
CA VAL A 355 31.25 -0.02 4.66
C VAL A 355 31.90 0.98 3.70
N SER A 356 31.36 1.07 2.48
CA SER A 356 31.76 2.09 1.52
C SER A 356 30.93 3.36 1.69
N VAL A 357 31.60 4.49 1.84
CA VAL A 357 30.92 5.78 1.95
C VAL A 357 30.16 6.09 0.66
N ARG A 358 30.75 5.70 -0.47
CA ARG A 358 30.11 5.88 -1.76
C ARG A 358 28.77 5.13 -1.82
N GLU A 359 28.73 3.93 -1.26
CA GLU A 359 27.49 3.18 -1.25
C GLU A 359 26.46 3.80 -0.32
N ILE A 360 26.91 4.31 0.83
CA ILE A 360 25.99 5.01 1.74
C ILE A 360 25.35 6.21 1.05
N ASP A 361 26.19 7.01 0.37
CA ASP A 361 25.70 8.16 -0.40
C ASP A 361 24.64 7.71 -1.39
N GLU A 362 24.93 6.62 -2.10
CA GLU A 362 24.01 6.10 -3.10
C GLU A 362 22.69 5.68 -2.49
N MET A 363 22.73 5.02 -1.34
CA MET A 363 21.50 4.53 -0.75
C MET A 363 20.67 5.64 -0.09
N LEU A 364 21.29 6.77 0.23
CA LEU A 364 20.53 7.87 0.86
C LEU A 364 20.17 9.01 -0.10
N ARG A 365 20.70 8.92 -1.32
CA ARG A 365 20.57 9.96 -2.32
C ARG A 365 19.12 10.40 -2.62
N GLN A 366 18.23 9.42 -2.71
CA GLN A 366 16.83 9.71 -3.05
C GLN A 366 16.10 10.44 -1.92
N TYR A 367 16.68 10.43 -0.73
CA TYR A 367 16.11 11.17 0.40
C TYR A 367 16.80 12.51 0.59
N VAL A 368 18.10 12.55 0.29
CA VAL A 368 18.88 13.75 0.54
C VAL A 368 18.64 14.81 -0.53
N GLU A 369 18.68 14.41 -1.80
CA GLU A 369 18.54 15.41 -2.86
C GLU A 369 17.25 16.25 -2.79
N PRO A 370 16.09 15.64 -2.44
CA PRO A 370 14.91 16.52 -2.40
C PRO A 370 14.94 17.62 -1.33
N ILE A 371 15.68 17.43 -0.24
CA ILE A 371 15.67 18.43 0.83
C ILE A 371 16.89 19.36 0.77
N GLN A 372 17.66 19.27 -0.30
CA GLN A 372 18.76 20.20 -0.50
C GLN A 372 18.28 21.49 -1.15
N VAL A 373 17.02 21.51 -1.55
CA VAL A 373 16.43 22.71 -2.16
C VAL A 373 15.14 23.07 -1.42
N GLU A 374 14.68 24.31 -1.59
CA GLU A 374 13.46 24.75 -0.93
C GLU A 374 12.25 24.04 -1.51
N VAL A 375 12.16 24.01 -2.83
CA VAL A 375 11.08 23.32 -3.52
C VAL A 375 11.67 22.31 -4.52
N PHE A 376 11.45 21.03 -4.27
CA PHE A 376 12.04 20.01 -5.13
C PHE A 376 11.06 19.60 -6.21
N HIS A 377 11.58 19.42 -7.42
CA HIS A 377 10.73 18.96 -8.50
C HIS A 377 10.85 17.45 -8.66
N TYR A 378 9.87 16.72 -8.14
CA TYR A 378 9.85 15.27 -8.29
C TYR A 378 9.50 14.91 -9.72
N THR A 379 10.42 14.24 -10.41
CA THR A 379 10.19 13.87 -11.81
C THR A 379 10.57 12.43 -12.06
N ARG A 380 9.99 11.84 -13.09
CA ARG A 380 10.34 10.48 -13.48
C ARG A 380 11.79 10.42 -13.93
N LYS A 381 12.27 11.49 -14.59
CA LYS A 381 13.66 11.57 -14.99
C LYS A 381 14.61 11.42 -13.78
N TRP A 382 14.30 12.15 -12.72
CA TRP A 382 15.10 12.11 -11.51
C TRP A 382 15.07 10.72 -10.85
N LEU A 383 13.89 10.11 -10.81
CA LEU A 383 13.75 8.80 -10.20
C LEU A 383 14.58 7.75 -10.97
N GLN A 384 14.51 7.84 -12.29
CA GLN A 384 15.34 7.02 -13.15
C GLN A 384 16.82 7.20 -12.81
N LYS A 385 17.25 8.44 -12.61
CA LYS A 385 18.63 8.67 -12.17
C LYS A 385 18.93 8.02 -10.81
N MET A 386 17.92 7.98 -9.94
CA MET A 386 18.10 7.38 -8.62
C MET A 386 18.25 5.87 -8.73
N THR A 387 17.83 5.29 -9.85
CA THR A 387 18.03 3.85 -9.99
C THR A 387 19.41 3.48 -10.57
N VAL A 388 20.21 4.47 -10.97
CA VAL A 388 21.53 4.18 -11.54
C VAL A 388 22.61 4.03 -10.47
N SER A 389 23.20 2.84 -10.39
CA SER A 389 24.17 2.55 -9.34
C SER A 389 25.48 3.27 -9.55
N GLN A 390 26.05 3.78 -8.45
CA GLN A 390 27.33 4.48 -8.48
C GLN A 390 28.49 3.50 -8.58
N ILE A 391 28.31 2.31 -8.00
CA ILE A 391 29.36 1.31 -7.94
C ILE A 391 29.12 0.18 -8.93
N ASP A 392 29.83 0.22 -10.05
CA ASP A 392 29.79 -0.87 -11.02
C ASP A 392 30.53 -2.08 -10.46
N ARG A 393 29.99 -3.27 -10.66
CA ARG A 393 30.51 -4.45 -9.98
C ARG A 393 31.79 -4.99 -10.62
N SER A 394 32.16 -4.46 -11.78
CA SER A 394 33.43 -4.83 -12.38
C SER A 394 34.57 -4.01 -11.78
N VAL A 395 34.23 -2.85 -11.23
CA VAL A 395 35.21 -2.00 -10.55
C VAL A 395 35.54 -2.57 -9.17
N ALA A 396 34.50 -2.83 -8.39
CA ALA A 396 34.67 -3.35 -7.04
C ALA A 396 33.55 -4.34 -6.71
N GLN A 397 33.92 -5.47 -6.13
CA GLN A 397 32.94 -6.47 -5.73
C GLN A 397 32.74 -6.39 -4.21
N ILE A 398 31.82 -5.53 -3.78
CA ILE A 398 31.55 -5.41 -2.36
C ILE A 398 30.22 -6.06 -2.03
N ARG A 399 30.07 -6.45 -0.77
CA ARG A 399 28.79 -6.94 -0.25
C ARG A 399 28.06 -5.75 0.36
N THR A 400 26.80 -5.58 -0.01
CA THR A 400 26.06 -4.37 0.32
C THR A 400 26.04 -4.07 1.82
N ALA A 401 26.09 -2.78 2.15
CA ALA A 401 26.00 -2.33 3.53
C ALA A 401 24.53 -2.25 3.93
N ARG A 402 23.66 -2.28 2.92
CA ARG A 402 22.22 -2.17 3.15
C ARG A 402 21.73 -3.25 4.11
N GLN A 403 20.82 -2.85 4.99
CA GLN A 403 20.16 -3.78 5.88
C GLN A 403 18.99 -4.46 5.16
N MET A 404 19.12 -5.76 4.92
CA MET A 404 18.05 -6.49 4.25
C MET A 404 17.10 -7.10 5.27
N ASP A 405 17.38 -6.85 6.53
CA ASP A 405 16.50 -7.27 7.62
C ASP A 405 16.19 -6.07 8.51
N LEU A 406 15.55 -5.06 7.91
CA LEU A 406 15.22 -3.84 8.63
C LEU A 406 14.32 -4.09 9.82
N PRO A 407 14.55 -3.37 10.92
CA PRO A 407 13.60 -3.37 12.04
C PRO A 407 12.23 -2.89 11.55
N ALA A 408 11.16 -3.49 12.05
CA ALA A 408 9.80 -3.14 11.61
C ALA A 408 9.55 -1.65 11.69
N LYS A 409 9.98 -1.06 12.81
CA LYS A 409 9.82 0.38 13.09
C LYS A 409 10.36 1.25 11.96
N LEU A 410 11.36 0.74 11.24
CA LEU A 410 11.93 1.44 10.10
C LEU A 410 11.36 0.94 8.78
N ALA A 411 11.24 -0.38 8.66
CA ALA A 411 10.80 -1.00 7.42
C ALA A 411 9.43 -0.50 6.97
N ILE A 412 8.51 -0.35 7.91
CA ILE A 412 7.14 0.06 7.56
C ILE A 412 7.07 1.46 6.91
N PRO A 413 7.52 2.51 7.63
CA PRO A 413 7.41 3.81 6.99
C PRO A 413 8.29 3.94 5.75
N MET A 414 9.43 3.28 5.69
CA MET A 414 10.31 3.43 4.54
C MET A 414 9.64 2.91 3.27
N ARG A 415 8.92 1.81 3.41
CA ARG A 415 8.17 1.22 2.31
C ARG A 415 7.07 2.17 1.83
N VAL A 416 6.36 2.74 2.80
CA VAL A 416 5.34 3.73 2.45
C VAL A 416 5.93 4.93 1.71
N ILE A 417 7.01 5.48 2.27
CA ILE A 417 7.70 6.61 1.67
C ILE A 417 8.16 6.31 0.24
N ALA A 418 8.65 5.10 -0.01
CA ALA A 418 9.04 4.73 -1.37
C ALA A 418 7.86 4.81 -2.33
N SER A 419 6.72 4.25 -1.91
CA SER A 419 5.53 4.32 -2.76
C SER A 419 5.09 5.77 -3.03
N VAL A 420 5.09 6.58 -1.97
CA VAL A 420 4.70 7.98 -2.08
C VAL A 420 5.63 8.75 -3.01
N GLY A 421 6.95 8.57 -2.85
CA GLY A 421 7.94 9.24 -3.67
C GLY A 421 7.77 8.93 -5.15
N ALA A 422 7.52 7.65 -5.45
CA ALA A 422 7.24 7.26 -6.83
C ALA A 422 5.96 7.96 -7.36
N ILE A 423 4.93 8.04 -6.52
CA ILE A 423 3.73 8.77 -6.93
C ILE A 423 4.01 10.28 -7.18
N LEU A 424 4.83 10.90 -6.33
CA LEU A 424 5.21 12.31 -6.51
C LEU A 424 5.88 12.50 -7.86
N CYS A 425 6.72 11.53 -8.24
CA CYS A 425 7.38 11.57 -9.55
C CYS A 425 6.41 11.38 -10.72
N GLN A 426 5.41 10.51 -10.57
CA GLN A 426 4.36 10.43 -11.59
C GLN A 426 3.60 11.75 -11.71
N LEU A 427 3.34 12.39 -10.57
CA LEU A 427 2.61 13.65 -10.55
C LEU A 427 3.43 14.80 -11.17
N ASP A 428 4.74 14.62 -11.21
CA ASP A 428 5.67 15.65 -11.67
C ASP A 428 5.51 16.87 -10.76
N ALA A 429 5.34 16.58 -9.46
CA ALA A 429 5.01 17.61 -8.48
C ALA A 429 6.21 18.40 -7.95
N HIS A 430 6.01 19.70 -7.79
CA HIS A 430 6.91 20.59 -7.06
C HIS A 430 6.46 20.59 -5.62
N VAL A 431 7.33 20.13 -4.72
CA VAL A 431 6.95 19.97 -3.32
C VAL A 431 7.98 20.62 -2.42
N PRO A 432 7.53 21.44 -1.47
CA PRO A 432 8.46 21.99 -0.46
C PRO A 432 8.73 20.94 0.61
N ILE A 433 9.39 19.86 0.21
CA ILE A 433 9.61 18.75 1.14
C ILE A 433 10.60 19.15 2.24
N LYS A 434 11.51 20.09 1.97
CA LYS A 434 12.43 20.53 3.02
C LYS A 434 11.69 21.11 4.23
N ALA A 435 10.74 22.01 3.98
CA ALA A 435 9.97 22.63 5.04
C ALA A 435 9.08 21.62 5.78
N LEU A 436 8.40 20.76 5.01
CA LEU A 436 7.56 19.71 5.59
C LEU A 436 8.40 18.82 6.51
N SER A 437 9.60 18.46 6.04
CA SER A 437 10.49 17.61 6.80
C SER A 437 10.94 18.31 8.09
N GLU A 438 11.29 19.58 7.98
CA GLU A 438 11.74 20.33 9.16
C GLU A 438 10.64 20.38 10.21
N GLU A 439 9.40 20.56 9.77
CA GLU A 439 8.31 20.71 10.74
C GLU A 439 7.73 19.41 11.27
N LEU A 440 7.78 18.34 10.48
CA LEU A 440 7.05 17.12 10.82
C LEU A 440 7.92 15.92 11.15
N ILE A 441 9.14 15.89 10.64
CA ILE A 441 9.97 14.70 10.80
C ILE A 441 10.97 14.88 11.93
N PRO A 442 10.81 14.09 13.01
CA PRO A 442 11.69 14.15 14.17
C PRO A 442 13.16 13.99 13.79
N GLY A 443 14.00 14.85 14.32
CA GLY A 443 15.43 14.75 14.11
C GLY A 443 15.97 15.42 12.86
N PHE A 444 15.11 15.78 11.92
CA PHE A 444 15.62 16.36 10.68
C PHE A 444 16.06 17.83 10.81
N ALA A 445 15.27 18.64 11.51
CA ALA A 445 15.59 20.05 11.68
C ALA A 445 16.94 20.26 12.36
N GLU A 446 17.63 21.34 12.00
CA GLU A 446 18.88 21.70 12.64
C GLU A 446 18.73 21.69 14.14
N PRO A 447 19.61 20.94 14.83
CA PRO A 447 19.52 20.72 16.28
C PRO A 447 19.71 22.03 17.04
N ASP A 448 20.40 22.98 16.41
CA ASP A 448 20.63 24.31 16.93
C ASP A 448 21.67 24.31 18.04
PG ANP B . -8.39 -1.80 -3.20
O1G ANP B . -8.73 -1.24 -4.65
O2G ANP B . -8.43 -3.37 -3.22
O3G ANP B . -7.03 -1.35 -2.79
PB ANP B . -11.10 -1.57 -2.62
O1B ANP B . -11.05 -2.00 -4.05
O2B ANP B . -11.69 -2.72 -1.75
N3B ANP B . -9.55 -1.23 -2.09
PA ANP B . -11.43 1.16 -2.65
O1A ANP B . -10.07 1.16 -3.23
O2A ANP B . -11.52 1.81 -1.25
O3A ANP B . -12.01 -0.32 -2.48
O5' ANP B . -12.38 1.89 -3.68
C5' ANP B . -13.07 1.17 -4.72
C4' ANP B . -13.96 2.15 -5.45
O4' ANP B . -14.86 2.76 -4.51
C3' ANP B . -13.23 3.28 -6.18
O3' ANP B . -13.58 3.34 -7.55
C2' ANP B . -13.64 4.55 -5.41
O2' ANP B . -13.83 5.64 -6.30
C1' ANP B . -14.95 4.14 -4.76
N9 ANP B . -15.21 4.82 -3.48
C8 ANP B . -14.88 4.35 -2.24
N7 ANP B . -15.20 5.17 -1.26
C5 ANP B . -15.80 6.24 -1.91
C6 ANP B . -16.35 7.45 -1.44
N6 ANP B . -16.42 7.78 -0.15
N1 ANP B . -16.86 8.31 -2.35
C2 ANP B . -16.79 7.98 -3.65
N3 ANP B . -16.28 6.88 -4.21
C4 ANP B . -15.80 6.05 -3.28
S SO4 C . 22.72 -7.01 11.59
O1 SO4 C . 22.61 -5.57 11.79
O2 SO4 C . 23.84 -7.30 10.71
O3 SO4 C . 22.94 -7.67 12.89
O4 SO4 C . 21.49 -7.53 11.00
S SO4 D . -28.14 4.72 11.88
O1 SO4 D . -27.27 5.67 11.17
O2 SO4 D . -29.04 5.45 12.76
O3 SO4 D . -27.33 3.82 12.68
O4 SO4 D . -28.92 3.94 10.92
S SO4 E . 6.19 -19.92 10.93
O1 SO4 E . 7.55 -19.46 11.17
O2 SO4 E . 5.65 -19.29 9.72
O3 SO4 E . 6.17 -21.37 10.78
O4 SO4 E . 5.37 -19.53 12.08
S SO4 F . -26.65 -16.65 -0.55
O1 SO4 F . -26.63 -15.39 0.16
O2 SO4 F . -25.31 -16.94 -1.06
O3 SO4 F . -27.59 -16.58 -1.67
O4 SO4 F . -27.07 -17.72 0.36
S SO4 G . -17.38 -11.77 14.82
O1 SO4 G . -16.55 -10.67 15.28
O2 SO4 G . -16.76 -12.43 13.68
O3 SO4 G . -17.56 -12.74 15.90
O4 SO4 G . -18.70 -11.27 14.42
C1 GOL H . 3.61 23.35 -3.95
O1 GOL H . 4.57 24.27 -4.42
C2 GOL H . 2.38 24.07 -3.41
O2 GOL H . 1.21 23.56 -4.00
C3 GOL H . 2.28 23.92 -1.89
O3 GOL H . 0.99 24.29 -1.46
#